data_3QOU
#
_entry.id   3QOU
#
_cell.length_a   29.523
_cell.length_b   62.447
_cell.length_c   79.981
_cell.angle_alpha   90.000
_cell.angle_beta   96.570
_cell.angle_gamma   90.000
#
_symmetry.space_group_name_H-M   'P 1 21 1'
#
loop_
_entity.id
_entity.type
_entity.pdbx_description
1 polymer 'protein ybbN'
2 non-polymer 'CALCIUM ION'
3 water water
#
_entity_poly.entity_id   1
_entity_poly.type   'polypeptide(L)'
_entity_poly.pdbx_seq_one_letter_code
;GSHMSVENIVNINESNLQQVLEQSMTTPVLFYFWSERSQHCLQLTPILESLAAQYNGQFILAKLDCDAEQMIAAQFGLRA
IPTVYLFQNGQPVDGFQGPQPEEAIRALLD(MLY)VLPREEEL(MLY)AQQAMQLMQESNYTDALPLL(MLY)DAWQLSN
QNGEIGLLLAETLIALNRSEDAEAVL(MLY)TIPLQDQDTRYQGLVAQIELL(MLY)QAADTPEIQQLQQQVAENPEDAA
LATQLALQLHQVGRNEEALELLFGHLR(MLY)DLTAADGQTR(MLY)TFQEILAALGTGDALAS(MLY)YRRQLYALLY
;
_entity_poly.pdbx_strand_id   A
#
# COMPACT_ATOMS: atom_id res chain seq x y z
N VAL A 6 4.95 -25.85 -3.08
CA VAL A 6 4.46 -27.08 -2.41
C VAL A 6 3.00 -26.95 -1.95
N GLU A 7 2.27 -26.03 -2.59
CA GLU A 7 0.90 -25.67 -2.17
C GLU A 7 0.83 -25.20 -0.70
N ASN A 8 2.00 -25.03 -0.10
CA ASN A 8 2.13 -24.64 1.30
C ASN A 8 1.82 -25.76 2.31
N ILE A 9 1.74 -26.99 1.79
CA ILE A 9 1.51 -28.16 2.62
C ILE A 9 2.77 -29.03 2.65
N VAL A 10 3.24 -29.33 3.86
CA VAL A 10 4.34 -30.27 4.04
C VAL A 10 3.89 -31.48 4.84
N ASN A 11 4.14 -32.66 4.29
CA ASN A 11 4.11 -33.90 5.07
C ASN A 11 5.36 -33.97 5.95
N ILE A 12 5.14 -34.11 7.25
CA ILE A 12 6.26 -34.14 8.18
C ILE A 12 6.81 -35.55 8.33
N ASN A 13 8.14 -35.66 8.33
CA ASN A 13 8.81 -36.91 8.62
C ASN A 13 10.05 -36.70 9.50
N GLU A 14 10.97 -37.66 9.48
CA GLU A 14 12.17 -37.61 10.31
C GLU A 14 13.07 -36.42 9.96
N SER A 15 13.07 -36.03 8.69
CA SER A 15 14.10 -35.14 8.16
C SER A 15 13.71 -33.66 8.14
N ASN A 16 12.42 -33.37 8.33
CA ASN A 16 11.92 -32.01 8.18
C ASN A 16 11.11 -31.48 9.37
N LEU A 17 11.10 -32.23 10.47
CA LEU A 17 10.41 -31.79 11.68
C LEU A 17 11.09 -30.58 12.33
N GLN A 18 12.40 -30.69 12.52
CA GLN A 18 13.18 -29.61 13.14
C GLN A 18 13.36 -28.44 12.19
N GLN A 19 13.38 -28.73 10.88
CA GLN A 19 13.58 -27.70 9.86
C GLN A 19 12.32 -26.87 9.66
N VAL A 20 11.17 -27.44 10.02
CA VAL A 20 9.90 -26.72 9.97
C VAL A 20 9.50 -26.20 11.36
N LEU A 21 10.02 -26.84 12.40
CA LEU A 21 9.88 -26.33 13.76
C LEU A 21 10.66 -25.03 13.94
N GLU A 22 11.81 -24.93 13.25
CA GLU A 22 12.62 -23.72 13.26
C GLU A 22 12.28 -22.79 12.08
N GLN A 23 11.31 -23.21 11.27
CA GLN A 23 10.73 -22.34 10.25
C GLN A 23 9.47 -21.65 10.79
N SER A 24 8.93 -22.18 11.87
CA SER A 24 7.84 -21.53 12.60
C SER A 24 8.28 -20.20 13.23
N MET A 25 9.56 -19.88 13.11
CA MET A 25 10.14 -18.70 13.75
C MET A 25 9.52 -17.41 13.22
N THR A 26 9.12 -17.42 11.96
CA THR A 26 8.41 -16.28 11.37
C THR A 26 7.08 -16.67 10.75
N THR A 27 7.04 -17.84 10.11
CA THR A 27 5.81 -18.34 9.51
C THR A 27 5.07 -19.27 10.48
N PRO A 28 3.80 -18.94 10.77
CA PRO A 28 2.94 -19.81 11.57
C PRO A 28 2.83 -21.22 10.95
N VAL A 29 2.99 -22.24 11.78
CA VAL A 29 2.86 -23.61 11.31
C VAL A 29 1.68 -24.30 11.99
N LEU A 30 0.73 -24.76 11.17
CA LEU A 30 -0.40 -25.54 11.67
C LEU A 30 -0.09 -27.02 11.51
N PHE A 31 0.41 -27.64 12.58
CA PHE A 31 0.61 -29.08 12.59
C PHE A 31 -0.73 -29.80 12.60
N TYR A 32 -0.88 -30.75 11.70
CA TYR A 32 -2.13 -31.48 11.55
C TYR A 32 -1.86 -32.97 11.76
N PHE A 33 -2.25 -33.48 12.92
CA PHE A 33 -2.07 -34.88 13.27
C PHE A 33 -3.27 -35.68 12.77
N TRP A 34 -3.06 -36.49 11.74
CA TRP A 34 -4.16 -37.10 11.02
C TRP A 34 -3.89 -38.59 10.79
N SER A 35 -4.92 -39.29 10.33
CA SER A 35 -4.78 -40.69 9.94
C SER A 35 -5.75 -41.02 8.81
N GLU A 36 -5.29 -41.80 7.85
CA GLU A 36 -6.11 -42.30 6.74
C GLU A 36 -7.22 -43.23 7.25
N ARG A 37 -7.15 -43.59 8.53
CA ARG A 37 -8.09 -44.53 9.14
C ARG A 37 -9.31 -43.85 9.76
N SER A 38 -9.25 -42.53 9.90
CA SER A 38 -10.12 -41.83 10.85
C SER A 38 -11.22 -41.02 10.14
N GLN A 39 -12.45 -41.17 10.61
CA GLN A 39 -13.59 -40.47 10.02
C GLN A 39 -13.70 -38.99 10.40
N HIS A 40 -13.05 -38.60 11.51
CA HIS A 40 -12.95 -37.19 11.89
C HIS A 40 -12.04 -36.42 10.93
N CYS A 41 -11.01 -37.09 10.42
CA CYS A 41 -10.04 -36.44 9.53
C CYS A 41 -10.61 -36.26 8.13
N LEU A 42 -11.46 -37.19 7.72
CA LEU A 42 -11.95 -37.23 6.34
C LEU A 42 -12.60 -35.92 5.89
N GLN A 43 -13.24 -35.23 6.83
CA GLN A 43 -13.91 -33.96 6.51
C GLN A 43 -13.22 -32.76 7.18
N LEU A 44 -12.12 -33.03 7.87
CA LEU A 44 -11.23 -31.96 8.33
C LEU A 44 -10.13 -31.66 7.30
N THR A 45 -9.60 -32.71 6.67
CA THR A 45 -8.52 -32.56 5.69
C THR A 45 -8.86 -31.61 4.53
N PRO A 46 -10.04 -31.79 3.89
CA PRO A 46 -10.44 -30.89 2.81
C PRO A 46 -10.61 -29.44 3.27
N ILE A 47 -11.20 -29.24 4.45
CA ILE A 47 -11.27 -27.92 5.07
C ILE A 47 -9.88 -27.31 5.31
N LEU A 48 -8.93 -28.15 5.70
CA LEU A 48 -7.62 -27.67 6.10
C LEU A 48 -6.71 -27.36 4.91
N GLU A 49 -6.70 -28.25 3.92
CA GLU A 49 -5.89 -28.09 2.73
C GLU A 49 -6.32 -26.86 1.93
N SER A 50 -7.62 -26.70 1.75
CA SER A 50 -8.15 -25.61 0.94
C SER A 50 -7.88 -24.23 1.55
N LEU A 51 -7.68 -24.20 2.86
CA LEU A 51 -7.25 -22.98 3.52
C LEU A 51 -5.75 -22.76 3.36
N ALA A 52 -4.99 -23.86 3.35
CA ALA A 52 -3.54 -23.79 3.10
C ALA A 52 -3.23 -23.13 1.75
N ALA A 53 -3.90 -23.61 0.70
CA ALA A 53 -3.73 -23.08 -0.64
C ALA A 53 -4.35 -21.69 -0.80
N GLN A 54 -5.35 -21.40 0.02
CA GLN A 54 -6.05 -20.11 -0.05
C GLN A 54 -5.22 -18.96 0.54
N TYR A 55 -4.52 -19.24 1.64
CA TYR A 55 -3.70 -18.23 2.31
C TYR A 55 -2.32 -18.06 1.66
N ASN A 56 -1.92 -19.05 0.85
CA ASN A 56 -0.71 -18.98 0.04
C ASN A 56 0.53 -18.46 0.80
N GLY A 57 1.03 -19.28 1.71
CA GLY A 57 2.30 -19.01 2.36
C GLY A 57 2.17 -18.13 3.58
N GLN A 58 0.93 -17.84 3.98
CA GLN A 58 0.68 -17.06 5.19
C GLN A 58 0.86 -17.95 6.43
N PHE A 59 0.42 -19.20 6.32
CA PHE A 59 0.80 -20.22 7.28
C PHE A 59 1.27 -21.47 6.56
N ILE A 60 1.98 -22.34 7.29
CA ILE A 60 2.26 -23.68 6.79
C ILE A 60 1.35 -24.71 7.45
N LEU A 61 0.61 -25.45 6.63
CA LEU A 61 -0.07 -26.66 7.10
C LEU A 61 0.92 -27.81 7.09
N ALA A 62 1.26 -28.30 8.28
CA ALA A 62 2.21 -29.40 8.40
C ALA A 62 1.51 -30.67 8.87
N LYS A 63 1.36 -31.62 7.95
CA LYS A 63 0.65 -32.85 8.24
C LYS A 63 1.58 -33.92 8.82
N LEU A 64 1.19 -34.50 9.96
CA LEU A 64 1.88 -35.65 10.51
C LEU A 64 0.97 -36.87 10.47
N ASP A 65 1.28 -37.80 9.56
CA ASP A 65 0.58 -39.09 9.46
C ASP A 65 0.90 -39.96 10.68
N CYS A 66 -0.10 -40.17 11.51
CA CYS A 66 0.07 -40.78 12.83
C CYS A 66 0.29 -42.29 12.78
N ASP A 67 -0.16 -42.91 11.71
CA ASP A 67 0.16 -44.32 11.46
C ASP A 67 1.59 -44.49 10.92
N ALA A 68 2.03 -43.54 10.10
CA ALA A 68 3.36 -43.61 9.47
C ALA A 68 4.47 -43.07 10.37
N GLU A 69 4.14 -42.07 11.18
CA GLU A 69 5.12 -41.41 12.04
C GLU A 69 4.74 -41.56 13.51
N GLN A 70 4.92 -42.76 14.05
CA GLN A 70 4.47 -43.08 15.40
C GLN A 70 5.42 -42.54 16.46
N MET A 71 6.72 -42.54 16.17
CA MET A 71 7.71 -41.98 17.08
C MET A 71 7.51 -40.48 17.31
N ILE A 72 7.36 -39.73 16.22
CA ILE A 72 7.17 -38.29 16.32
C ILE A 72 5.84 -37.91 16.98
N ALA A 73 4.78 -38.67 16.67
CA ALA A 73 3.47 -38.43 17.27
C ALA A 73 3.44 -38.64 18.79
N ALA A 74 4.07 -39.73 19.26
CA ALA A 74 4.20 -39.99 20.69
C ALA A 74 5.01 -38.89 21.40
N GLN A 75 5.97 -38.31 20.69
CA GLN A 75 6.80 -37.25 21.25
C GLN A 75 6.11 -35.88 21.23
N PHE A 76 4.92 -35.83 20.65
CA PHE A 76 4.11 -34.61 20.69
C PHE A 76 3.09 -34.61 21.82
N GLY A 77 2.92 -35.76 22.46
CA GLY A 77 1.97 -35.89 23.57
C GLY A 77 0.59 -36.20 23.06
N LEU A 78 0.53 -36.74 21.84
CA LEU A 78 -0.73 -36.91 21.13
C LEU A 78 -1.72 -37.77 21.90
N ARG A 79 -2.93 -37.25 22.09
CA ARG A 79 -3.95 -37.92 22.90
C ARG A 79 -5.23 -38.25 22.13
N ALA A 80 -5.42 -37.62 20.98
CA ALA A 80 -6.57 -37.90 20.11
C ALA A 80 -6.24 -37.66 18.64
N ILE A 81 -6.92 -38.39 17.76
CA ILE A 81 -6.88 -38.13 16.32
C ILE A 81 -8.26 -37.69 15.82
N PRO A 82 -8.35 -36.53 15.13
CA PRO A 82 -7.25 -35.63 14.78
C PRO A 82 -6.88 -34.69 15.92
N THR A 83 -5.65 -34.20 15.89
CA THR A 83 -5.24 -33.03 16.69
C THR A 83 -4.54 -32.02 15.79
N VAL A 84 -4.91 -30.76 15.93
CA VAL A 84 -4.17 -29.69 15.26
C VAL A 84 -3.51 -28.79 16.29
N TYR A 85 -2.23 -28.48 16.08
CA TYR A 85 -1.54 -27.53 16.93
C TYR A 85 -0.92 -26.41 16.12
N LEU A 86 -1.04 -25.19 16.64
CA LEU A 86 -0.48 -24.01 15.99
C LEU A 86 0.91 -23.71 16.56
N PHE A 87 1.90 -23.62 15.67
CA PHE A 87 3.29 -23.43 16.06
C PHE A 87 3.85 -22.14 15.49
N GLN A 88 4.34 -21.28 16.36
CA GLN A 88 5.01 -20.04 15.96
C GLN A 88 6.09 -19.69 16.96
N ASN A 89 7.04 -18.85 16.55
CA ASN A 89 8.20 -18.51 17.38
C ASN A 89 8.86 -19.76 17.97
N GLY A 90 8.70 -20.89 17.30
CA GLY A 90 9.30 -22.15 17.73
C GLY A 90 8.38 -22.97 18.63
N GLN A 91 7.34 -22.32 19.15
CA GLN A 91 6.59 -22.86 20.29
C GLN A 91 5.14 -23.13 19.92
N PRO A 92 4.51 -24.11 20.58
CA PRO A 92 3.07 -24.31 20.45
C PRO A 92 2.31 -23.22 21.20
N VAL A 93 1.20 -22.74 20.62
CA VAL A 93 0.50 -21.58 21.16
C VAL A 93 -1.02 -21.76 21.22
N ASP A 94 -1.54 -22.73 20.48
CA ASP A 94 -2.96 -23.05 20.48
C ASP A 94 -3.23 -24.26 19.60
N GLY A 95 -4.44 -24.81 19.71
CA GLY A 95 -4.79 -26.03 18.98
C GLY A 95 -6.14 -26.59 19.42
N PHE A 96 -6.31 -27.90 19.22
CA PHE A 96 -7.54 -28.58 19.58
C PHE A 96 -7.48 -30.04 19.11
N GLN A 97 -8.27 -30.90 19.74
CA GLN A 97 -8.51 -32.24 19.21
C GLN A 97 -9.97 -32.44 18.79
N GLY A 98 -10.15 -33.26 17.75
CA GLY A 98 -11.48 -33.45 17.17
C GLY A 98 -11.64 -32.68 15.86
N PRO A 99 -12.76 -32.92 15.16
CA PRO A 99 -13.11 -32.19 13.94
C PRO A 99 -13.95 -30.94 14.25
N GLN A 100 -13.90 -29.96 13.37
CA GLN A 100 -14.47 -28.63 13.66
C GLN A 100 -14.88 -27.87 12.40
N PRO A 101 -15.83 -26.93 12.56
CA PRO A 101 -16.26 -26.05 11.48
C PRO A 101 -15.14 -25.18 10.93
N GLU A 102 -15.31 -24.71 9.70
CA GLU A 102 -14.28 -23.95 9.00
C GLU A 102 -13.99 -22.60 9.66
N GLU A 103 -14.99 -22.05 10.34
CA GLU A 103 -14.85 -20.76 11.00
C GLU A 103 -14.19 -20.87 12.38
N ALA A 104 -14.31 -22.04 13.00
CA ALA A 104 -13.50 -22.36 14.17
C ALA A 104 -12.01 -22.26 13.86
N ILE A 105 -11.61 -22.86 12.74
CA ILE A 105 -10.21 -22.85 12.32
C ILE A 105 -9.73 -21.45 11.96
N ARG A 106 -10.63 -20.63 11.41
CA ARG A 106 -10.34 -19.23 11.18
C ARG A 106 -10.00 -18.55 12.49
N ALA A 107 -10.97 -18.49 13.39
CA ALA A 107 -10.75 -17.98 14.75
C ALA A 107 -9.33 -18.27 15.22
N LEU A 108 -8.93 -19.53 15.18
CA LEU A 108 -7.55 -19.94 15.43
C LEU A 108 -6.56 -19.12 14.59
N LEU A 109 -6.69 -19.22 13.27
CA LEU A 109 -5.74 -18.57 12.37
C LEU A 109 -5.79 -17.04 12.48
N ASP A 110 -6.99 -16.50 12.69
CA ASP A 110 -7.22 -15.05 12.65
C ASP A 110 -6.34 -14.25 13.61
N VAL A 112 -3.19 -14.95 14.61
CA VAL A 112 -1.76 -14.99 14.33
C VAL A 112 -1.41 -14.44 12.94
N LEU A 113 -2.40 -14.36 12.07
CA LEU A 113 -2.14 -13.98 10.68
C LEU A 113 -2.12 -12.45 10.58
N PRO A 114 -1.20 -11.91 9.76
CA PRO A 114 -1.10 -10.45 9.64
C PRO A 114 -2.39 -9.80 9.11
N ARG A 115 -2.63 -8.55 9.51
CA ARG A 115 -3.81 -7.81 9.06
C ARG A 115 -3.72 -7.53 7.57
N GLU A 116 -4.86 -7.30 6.94
CA GLU A 116 -4.91 -7.07 5.51
C GLU A 116 -4.00 -5.92 5.06
N GLU A 117 -3.89 -4.89 5.91
CA GLU A 117 -3.14 -3.71 5.51
C GLU A 117 -1.64 -4.05 5.54
N GLU A 118 -1.26 -4.94 6.45
CA GLU A 118 0.13 -5.38 6.54
C GLU A 118 0.50 -6.25 5.33
N LEU A 119 -0.42 -7.14 4.95
CA LEU A 119 -0.23 -7.97 3.78
C LEU A 119 -0.11 -7.13 2.52
N ALA A 121 0.73 -3.95 2.42
CA ALA A 121 1.94 -3.12 2.51
C ALA A 121 3.15 -3.95 2.13
N GLN A 122 3.17 -5.21 2.55
CA GLN A 122 4.25 -6.13 2.21
C GLN A 122 4.33 -6.38 0.70
N GLN A 123 3.18 -6.59 0.06
CA GLN A 123 3.15 -6.77 -1.40
C GLN A 123 3.66 -5.53 -2.10
N ALA A 124 3.19 -4.37 -1.66
CA ALA A 124 3.61 -3.11 -2.27
C ALA A 124 5.11 -2.87 -2.10
N MET A 125 5.66 -3.25 -0.95
CA MET A 125 7.09 -3.06 -0.69
C MET A 125 7.89 -3.85 -1.71
N GLN A 126 7.41 -5.05 -2.02
CA GLN A 126 8.05 -5.90 -3.02
C GLN A 126 7.99 -5.27 -4.41
N LEU A 127 6.81 -4.75 -4.77
CA LEU A 127 6.63 -4.06 -6.05
C LEU A 127 7.49 -2.79 -6.15
N MET A 128 7.61 -2.06 -5.04
CA MET A 128 8.50 -0.90 -4.98
C MET A 128 9.94 -1.32 -5.27
N GLN A 129 10.37 -2.44 -4.66
CA GLN A 129 11.70 -3.02 -4.92
C GLN A 129 11.97 -3.31 -6.39
N GLU A 130 10.90 -3.62 -7.12
CA GLU A 130 11.00 -3.95 -8.53
C GLU A 130 10.69 -2.73 -9.38
N SER A 131 10.72 -1.56 -8.74
CA SER A 131 10.40 -0.27 -9.36
C SER A 131 9.03 -0.25 -10.04
N ASN A 132 8.14 -1.12 -9.58
CA ASN A 132 6.76 -1.08 -10.08
C ASN A 132 5.87 -0.19 -9.20
N TYR A 133 6.08 1.13 -9.26
CA TYR A 133 5.36 2.06 -8.41
C TYR A 133 3.91 2.20 -8.81
N THR A 134 3.63 2.05 -10.11
CA THR A 134 2.28 2.14 -10.62
C THR A 134 1.34 1.12 -9.95
N ASP A 135 1.84 -0.08 -9.71
CA ASP A 135 1.01 -1.13 -9.11
C ASP A 135 1.05 -1.13 -7.57
N ALA A 136 2.13 -0.58 -6.99
CA ALA A 136 2.21 -0.43 -5.54
C ALA A 136 1.14 0.53 -5.05
N LEU A 137 0.80 1.51 -5.87
CA LEU A 137 0.07 2.69 -5.40
C LEU A 137 -1.32 2.35 -4.88
N PRO A 138 -2.14 1.63 -5.68
CA PRO A 138 -3.47 1.26 -5.19
C PRO A 138 -3.45 0.42 -3.92
N LEU A 139 -2.50 -0.50 -3.82
CA LEU A 139 -2.32 -1.28 -2.59
C LEU A 139 -1.96 -0.42 -1.38
N LEU A 140 -1.02 0.51 -1.58
CA LEU A 140 -0.65 1.44 -0.52
C LEU A 140 -1.80 2.39 -0.12
N ASP A 142 -5.03 1.72 -0.34
N ASP A 142 -5.01 1.72 -0.35
CA ASP A 142 -5.92 0.86 0.44
CA ASP A 142 -5.89 0.83 0.40
C ASP A 142 -5.36 0.54 1.82
C ASP A 142 -5.37 0.53 1.81
N ALA A 143 -4.09 0.16 1.89
CA ALA A 143 -3.48 -0.23 3.17
C ALA A 143 -3.40 0.97 4.10
N TRP A 144 -3.12 2.14 3.55
CA TRP A 144 -3.02 3.35 4.37
C TRP A 144 -4.37 3.66 4.99
N GLN A 145 -5.43 3.63 4.17
CA GLN A 145 -6.78 3.90 4.65
C GLN A 145 -7.20 2.91 5.72
N LEU A 146 -7.07 1.62 5.42
CA LEU A 146 -7.40 0.56 6.37
C LEU A 146 -6.67 0.68 7.72
N SER A 147 -5.44 1.16 7.68
CA SER A 147 -4.61 1.19 8.90
C SER A 147 -4.80 2.48 9.68
N ASN A 148 -5.83 3.26 9.32
CA ASN A 148 -6.02 4.57 9.93
C ASN A 148 -4.77 5.43 9.76
N GLN A 149 -4.26 5.43 8.54
CA GLN A 149 -3.14 6.30 8.18
C GLN A 149 -1.91 6.07 9.04
N ASN A 150 -1.61 4.80 9.28
CA ASN A 150 -0.38 4.39 9.95
C ASN A 150 0.87 5.02 9.33
N GLY A 151 1.76 5.55 10.18
CA GLY A 151 2.92 6.32 9.72
C GLY A 151 3.88 5.51 8.84
N GLU A 152 4.14 4.26 9.20
CA GLU A 152 5.07 3.49 8.38
C GLU A 152 4.54 3.21 6.98
N ILE A 153 3.24 2.92 6.87
CA ILE A 153 2.65 2.76 5.56
C ILE A 153 2.61 4.14 4.84
N GLY A 154 2.36 5.20 5.61
CA GLY A 154 2.40 6.57 5.06
C GLY A 154 3.71 6.84 4.32
N LEU A 155 4.84 6.45 4.93
CA LEU A 155 6.14 6.62 4.29
C LEU A 155 6.28 5.91 2.94
N LEU A 156 5.79 4.68 2.86
CA LEU A 156 5.78 3.93 1.59
C LEU A 156 4.93 4.62 0.54
N LEU A 157 3.76 5.07 0.96
CA LEU A 157 2.81 5.72 0.05
C LEU A 157 3.44 7.00 -0.48
N ALA A 158 4.03 7.78 0.40
CA ALA A 158 4.66 9.03 -0.01
C ALA A 158 5.81 8.79 -1.00
N GLU A 159 6.69 7.83 -0.70
CA GLU A 159 7.78 7.48 -1.63
C GLU A 159 7.23 7.07 -3.02
N THR A 160 6.12 6.31 -3.01
CA THR A 160 5.52 5.81 -4.24
C THR A 160 4.94 6.97 -5.06
N LEU A 161 4.24 7.88 -4.37
CA LEU A 161 3.72 9.10 -5.03
C LEU A 161 4.80 9.98 -5.65
N ILE A 162 5.89 10.17 -4.90
CA ILE A 162 7.07 10.84 -5.46
C ILE A 162 7.58 10.19 -6.75
N ALA A 163 7.71 8.87 -6.77
CA ALA A 163 8.25 8.19 -7.94
C ALA A 163 7.32 8.34 -9.13
N LEU A 164 6.03 8.49 -8.83
CA LEU A 164 5.01 8.70 -9.87
C LEU A 164 4.81 10.20 -10.23
N ASN A 165 5.73 11.05 -9.79
CA ASN A 165 5.71 12.47 -10.11
C ASN A 165 4.44 13.12 -9.54
N ARG A 166 4.03 12.64 -8.36
CA ARG A 166 2.94 13.26 -7.61
C ARG A 166 3.42 13.80 -6.27
N SER A 167 4.41 14.69 -6.31
CA SER A 167 5.05 15.22 -5.10
C SER A 167 4.07 15.99 -4.22
N GLU A 168 3.09 16.67 -4.82
CA GLU A 168 2.12 17.42 -4.00
C GLU A 168 1.28 16.46 -3.12
N ASP A 169 0.82 15.38 -3.74
CA ASP A 169 0.12 14.32 -3.02
C ASP A 169 1.04 13.67 -1.98
N ALA A 170 2.31 13.45 -2.34
CA ALA A 170 3.27 12.88 -1.39
C ALA A 170 3.43 13.80 -0.19
N GLU A 171 3.55 15.10 -0.46
CA GLU A 171 3.70 16.06 0.62
C GLU A 171 2.49 16.04 1.58
N ALA A 172 1.29 15.92 1.04
CA ALA A 172 0.10 15.83 1.87
C ALA A 172 0.19 14.59 2.80
N VAL A 173 0.66 13.45 2.26
CA VAL A 173 0.81 12.24 3.07
C VAL A 173 1.88 12.42 4.14
N LEU A 174 2.98 13.06 3.77
CA LEU A 174 4.06 13.32 4.74
C LEU A 174 3.61 14.22 5.90
N THR A 176 0.99 13.99 7.46
CA THR A 176 0.25 13.13 8.41
C THR A 176 1.15 12.23 9.28
N ILE A 177 2.46 12.21 9.03
CA ILE A 177 3.30 11.21 9.68
C ILE A 177 3.51 11.62 11.15
N PRO A 178 3.16 10.74 12.14
CA PRO A 178 3.37 11.17 13.54
C PRO A 178 4.83 11.47 13.89
N LEU A 179 5.02 12.36 14.88
CA LEU A 179 6.37 12.80 15.20
C LEU A 179 7.28 11.60 15.57
N GLN A 180 6.76 10.58 16.25
CA GLN A 180 7.68 9.49 16.62
C GLN A 180 8.22 8.74 15.42
N ASP A 181 7.47 8.77 14.31
CA ASP A 181 7.91 8.11 13.07
C ASP A 181 8.72 9.00 12.16
N GLN A 182 9.09 10.20 12.62
CA GLN A 182 9.88 11.11 11.76
C GLN A 182 11.40 10.84 11.80
N ASP A 183 11.79 9.64 11.39
CA ASP A 183 13.14 9.16 11.54
C ASP A 183 13.86 9.26 10.20
N THR A 184 14.87 8.42 9.96
CA THR A 184 15.78 8.66 8.86
C THR A 184 15.05 8.66 7.48
N ARG A 185 14.17 7.70 7.30
CA ARG A 185 13.44 7.58 6.04
C ARG A 185 12.52 8.79 5.77
N TYR A 186 11.75 9.19 6.79
CA TYR A 186 10.98 10.42 6.73
C TYR A 186 11.84 11.64 6.39
N GLN A 187 12.96 11.80 7.08
N GLN A 187 12.96 11.79 7.08
CA GLN A 187 13.84 12.94 6.84
CA GLN A 187 13.82 12.94 6.85
C GLN A 187 14.29 13.00 5.40
C GLN A 187 14.34 13.00 5.42
N GLY A 188 14.63 11.83 4.85
CA GLY A 188 15.07 11.73 3.44
C GLY A 188 13.98 12.16 2.46
N LEU A 189 12.75 11.69 2.68
CA LEU A 189 11.61 12.08 1.82
C LEU A 189 11.30 13.57 1.90
N VAL A 190 11.28 14.10 3.12
CA VAL A 190 11.07 15.53 3.32
C VAL A 190 12.16 16.35 2.65
N ALA A 191 13.42 15.92 2.78
CA ALA A 191 14.53 16.64 2.16
C ALA A 191 14.40 16.64 0.63
N GLN A 192 13.88 15.53 0.07
CA GLN A 192 13.68 15.46 -1.35
C GLN A 192 12.60 16.47 -1.78
N ILE A 193 11.46 16.45 -1.10
CA ILE A 193 10.36 17.38 -1.40
C ILE A 193 10.83 18.81 -1.24
N GLU A 194 11.58 19.08 -0.18
CA GLU A 194 12.06 20.43 0.06
C GLU A 194 12.94 20.93 -1.08
N LEU A 195 13.84 20.08 -1.55
CA LEU A 195 14.74 20.50 -2.63
C LEU A 195 13.95 20.71 -3.95
N LEU A 196 12.96 19.84 -4.18
CA LEU A 196 12.08 19.98 -5.34
C LEU A 196 11.34 21.32 -5.29
N GLN A 198 12.17 24.04 -3.57
CA GLN A 198 13.19 25.07 -3.77
C GLN A 198 13.59 25.18 -5.22
N ALA A 199 13.73 24.06 -5.93
CA ALA A 199 14.16 24.14 -7.33
C ALA A 199 13.07 24.78 -8.19
N ALA A 200 11.81 24.57 -7.80
CA ALA A 200 10.68 25.18 -8.54
C ALA A 200 10.30 26.61 -8.08
N ASP A 201 11.01 27.12 -7.07
CA ASP A 201 10.78 28.43 -6.47
C ASP A 201 11.71 29.46 -7.15
N THR A 202 11.51 29.73 -8.45
CA THR A 202 12.50 30.45 -9.24
C THR A 202 12.48 31.98 -9.01
N PRO A 203 13.60 32.66 -9.26
CA PRO A 203 13.59 34.13 -9.14
C PRO A 203 12.51 34.81 -9.98
N GLU A 204 12.28 34.31 -11.19
CA GLU A 204 11.29 34.87 -12.10
C GLU A 204 9.86 34.66 -11.57
N ILE A 205 9.61 33.47 -11.01
CA ILE A 205 8.32 33.20 -10.41
C ILE A 205 8.07 34.07 -9.17
N GLN A 206 9.09 34.21 -8.33
CA GLN A 206 8.99 35.03 -7.14
C GLN A 206 8.63 36.50 -7.45
N GLN A 207 9.19 37.06 -8.51
N GLN A 207 9.23 37.07 -8.49
CA GLN A 207 8.92 38.46 -8.82
CA GLN A 207 8.92 38.45 -8.88
C GLN A 207 7.57 38.67 -9.51
C GLN A 207 7.47 38.51 -9.30
N LEU A 208 7.11 37.66 -10.26
CA LEU A 208 5.75 37.63 -10.79
C LEU A 208 4.71 37.44 -9.67
N GLN A 209 5.03 36.59 -8.70
CA GLN A 209 4.12 36.35 -7.58
C GLN A 209 3.92 37.63 -6.77
N GLN A 210 5.01 38.36 -6.58
CA GLN A 210 4.91 39.68 -5.95
C GLN A 210 4.04 40.62 -6.77
N GLN A 211 4.23 40.62 -8.09
CA GLN A 211 3.51 41.55 -8.93
C GLN A 211 2.02 41.24 -8.99
N VAL A 212 1.68 39.96 -8.84
CA VAL A 212 0.29 39.51 -8.81
C VAL A 212 -0.36 39.87 -7.47
N ALA A 213 0.38 39.67 -6.38
CA ALA A 213 -0.03 40.13 -5.06
C ALA A 213 -0.41 41.62 -5.06
N GLU A 214 0.39 42.44 -5.76
CA GLU A 214 0.17 43.88 -5.84
C GLU A 214 -1.01 44.27 -6.75
N ASN A 215 -1.32 43.43 -7.72
CA ASN A 215 -2.37 43.76 -8.67
C ASN A 215 -3.19 42.50 -8.96
N PRO A 216 -3.92 42.01 -7.95
CA PRO A 216 -4.61 40.74 -8.06
C PRO A 216 -5.73 40.69 -9.11
N GLU A 217 -6.16 41.85 -9.62
CA GLU A 217 -7.17 41.85 -10.69
C GLU A 217 -6.61 41.71 -12.10
N ASP A 218 -5.29 41.84 -12.25
CA ASP A 218 -4.68 41.88 -13.57
C ASP A 218 -4.59 40.44 -14.07
N ALA A 219 -5.48 40.07 -14.98
CA ALA A 219 -5.56 38.68 -15.47
C ALA A 219 -4.37 38.36 -16.37
N ALA A 220 -3.89 39.35 -17.11
CA ALA A 220 -2.75 39.14 -18.01
C ALA A 220 -1.48 38.79 -17.22
N LEU A 221 -1.31 39.45 -16.08
CA LEU A 221 -0.19 39.17 -15.18
C LEU A 221 -0.27 37.77 -14.61
N ALA A 222 -1.46 37.45 -14.08
CA ALA A 222 -1.68 36.13 -13.48
C ALA A 222 -1.47 35.04 -14.52
N THR A 223 -1.81 35.32 -15.77
CA THR A 223 -1.65 34.34 -16.83
C THR A 223 -0.15 34.08 -17.13
N GLN A 224 0.63 35.16 -17.16
N GLN A 224 0.67 35.14 -17.13
CA GLN A 224 2.09 35.07 -17.28
CA GLN A 224 2.12 34.98 -17.32
C GLN A 224 2.65 34.17 -16.17
C GLN A 224 2.80 34.28 -16.14
N LEU A 225 2.28 34.49 -14.95
CA LEU A 225 2.69 33.72 -13.79
C LEU A 225 2.24 32.26 -13.90
N ALA A 226 0.99 32.02 -14.29
CA ALA A 226 0.51 30.64 -14.42
C ALA A 226 1.36 29.86 -15.44
N LEU A 227 1.75 30.51 -16.53
CA LEU A 227 2.62 29.87 -17.49
C LEU A 227 3.97 29.43 -16.88
N GLN A 228 4.60 30.31 -16.11
N GLN A 228 4.61 30.32 -16.13
CA GLN A 228 5.91 30.03 -15.51
CA GLN A 228 5.89 29.99 -15.53
C GLN A 228 5.84 29.00 -14.37
C GLN A 228 5.73 28.87 -14.50
N LEU A 229 4.71 28.97 -13.67
CA LEU A 229 4.40 27.90 -12.69
C LEU A 229 4.26 26.55 -13.39
N HIS A 230 3.48 26.54 -14.47
CA HIS A 230 3.35 25.30 -15.26
C HIS A 230 4.70 24.79 -15.73
N GLN A 231 5.56 25.69 -16.17
CA GLN A 231 6.82 25.29 -16.76
C GLN A 231 7.78 24.61 -15.75
N VAL A 232 7.56 24.80 -14.44
CA VAL A 232 8.37 24.12 -13.41
C VAL A 232 7.55 23.08 -12.67
N GLY A 233 6.38 22.76 -13.22
CA GLY A 233 5.59 21.61 -12.74
C GLY A 233 4.63 21.95 -11.61
N ARG A 234 4.50 23.25 -11.32
CA ARG A 234 3.54 23.66 -10.31
C ARG A 234 2.15 23.86 -10.89
N ASN A 235 1.53 22.77 -11.29
CA ASN A 235 0.31 22.84 -12.09
C ASN A 235 -0.94 23.08 -11.28
N GLU A 236 -0.95 22.55 -10.04
CA GLU A 236 -2.09 22.76 -9.16
C GLU A 236 -2.21 24.28 -8.99
N GLU A 237 -1.09 24.95 -8.77
CA GLU A 237 -1.13 26.40 -8.55
C GLU A 237 -1.49 27.15 -9.83
N ALA A 238 -0.89 26.72 -10.95
CA ALA A 238 -1.12 27.38 -12.25
C ALA A 238 -2.60 27.29 -12.65
N LEU A 239 -3.17 26.09 -12.60
CA LEU A 239 -4.56 25.92 -12.97
C LEU A 239 -5.57 26.61 -12.04
N GLU A 240 -5.29 26.56 -10.73
CA GLU A 240 -6.15 27.20 -9.75
C GLU A 240 -6.20 28.70 -10.04
N LEU A 241 -5.03 29.26 -10.34
CA LEU A 241 -4.89 30.71 -10.57
C LEU A 241 -5.66 31.15 -11.81
N LEU A 242 -5.46 30.44 -12.92
CA LEU A 242 -6.18 30.73 -14.17
C LEU A 242 -7.68 30.52 -14.03
N PHE A 243 -8.08 29.44 -13.36
CA PHE A 243 -9.49 29.09 -13.29
C PHE A 243 -10.22 30.15 -12.49
N GLY A 244 -9.57 30.65 -11.43
CA GLY A 244 -10.12 31.77 -10.68
C GLY A 244 -10.44 32.97 -11.53
N HIS A 245 -9.54 33.32 -12.46
CA HIS A 245 -9.81 34.38 -13.42
C HIS A 245 -10.95 34.04 -14.38
N LEU A 246 -10.98 32.81 -14.87
CA LEU A 246 -12.05 32.42 -15.78
C LEU A 246 -13.42 32.44 -15.14
N ARG A 247 -13.49 32.07 -13.86
CA ARG A 247 -14.74 32.13 -13.11
C ARG A 247 -15.30 33.56 -13.03
N ASP A 249 -14.41 35.97 -15.36
CA ASP A 249 -14.55 36.50 -16.70
C ASP A 249 -13.98 35.53 -17.74
N LEU A 250 -14.83 34.91 -18.54
CA LEU A 250 -14.38 33.90 -19.49
C LEU A 250 -13.45 34.51 -20.54
N THR A 251 -13.59 35.80 -20.80
CA THR A 251 -12.77 36.49 -21.79
C THR A 251 -11.54 37.17 -21.19
N ALA A 252 -11.21 36.81 -19.96
CA ALA A 252 -10.06 37.40 -19.26
C ALA A 252 -8.76 37.48 -20.06
N ALA A 253 -8.03 38.57 -19.87
CA ALA A 253 -6.84 38.93 -20.64
C ALA A 253 -7.06 38.80 -22.13
N ASP A 254 -8.22 39.27 -22.59
CA ASP A 254 -8.55 39.30 -24.00
C ASP A 254 -8.56 37.92 -24.65
N GLY A 255 -9.01 36.92 -23.90
CA GLY A 255 -9.01 35.55 -24.40
C GLY A 255 -7.78 34.73 -24.01
N GLN A 256 -6.71 35.39 -23.57
CA GLN A 256 -5.43 34.72 -23.34
C GLN A 256 -5.46 33.78 -22.13
N THR A 257 -6.24 34.14 -21.11
CA THR A 257 -6.31 33.30 -19.92
C THR A 257 -6.90 31.93 -20.25
N ARG A 258 -8.00 31.93 -20.97
CA ARG A 258 -8.61 30.67 -21.42
C ARG A 258 -7.64 29.89 -22.34
N THR A 260 -4.33 29.89 -22.55
CA THR A 260 -3.22 29.35 -21.77
C THR A 260 -3.70 28.19 -20.91
N PHE A 261 -4.86 28.37 -20.29
CA PHE A 261 -5.47 27.32 -19.50
C PHE A 261 -5.65 26.05 -20.33
N GLN A 262 -6.27 26.17 -21.49
CA GLN A 262 -6.45 25.04 -22.42
C GLN A 262 -5.10 24.42 -22.90
N GLU A 263 -4.13 25.28 -23.17
CA GLU A 263 -2.83 24.80 -23.63
C GLU A 263 -2.11 23.99 -22.53
N ILE A 264 -2.26 24.43 -21.28
CA ILE A 264 -1.70 23.68 -20.17
C ILE A 264 -2.37 22.31 -19.99
N LEU A 265 -3.70 22.28 -20.07
CA LEU A 265 -4.42 21.01 -19.96
C LEU A 265 -3.99 20.07 -21.09
N ALA A 266 -3.85 20.57 -22.31
CA ALA A 266 -3.35 19.75 -23.43
C ALA A 266 -1.93 19.20 -23.20
N ALA A 267 -1.05 20.01 -22.62
CA ALA A 267 0.33 19.64 -22.33
C ALA A 267 0.40 18.61 -21.20
N LEU A 268 -0.59 18.59 -20.31
CA LEU A 268 -0.61 17.61 -19.24
C LEU A 268 -1.09 16.23 -19.72
N GLY A 269 -1.89 16.23 -20.78
CA GLY A 269 -2.36 15.01 -21.43
C GLY A 269 -3.61 14.42 -20.80
N THR A 270 -4.27 13.52 -21.51
CA THR A 270 -5.55 13.00 -21.07
C THR A 270 -5.41 12.03 -19.89
N GLY A 271 -4.22 11.45 -19.68
CA GLY A 271 -3.98 10.58 -18.52
C GLY A 271 -3.74 11.25 -17.17
N ASP A 272 -3.73 12.59 -17.14
CA ASP A 272 -3.43 13.31 -15.89
C ASP A 272 -4.68 13.61 -15.08
N ALA A 273 -4.71 13.18 -13.83
CA ALA A 273 -5.92 13.25 -13.02
C ALA A 273 -6.27 14.71 -12.68
N LEU A 274 -5.26 15.53 -12.46
CA LEU A 274 -5.46 16.96 -12.19
C LEU A 274 -6.04 17.65 -13.43
N ALA A 275 -5.44 17.40 -14.58
CA ALA A 275 -5.98 17.91 -15.83
C ALA A 275 -7.44 17.42 -16.08
N SER A 276 -7.73 16.18 -15.73
CA SER A 276 -9.07 15.64 -15.96
C SER A 276 -10.13 16.39 -15.11
N TYR A 278 -9.91 19.41 -14.09
CA TYR A 278 -10.07 20.76 -14.62
C TYR A 278 -10.80 20.83 -15.95
N ARG A 279 -10.63 19.80 -16.79
CA ARG A 279 -11.36 19.68 -18.06
C ARG A 279 -12.83 19.69 -17.80
N ARG A 280 -13.23 18.92 -16.79
CA ARG A 280 -14.62 18.74 -16.50
C ARG A 280 -15.17 20.05 -15.92
N GLN A 281 -14.42 20.68 -15.03
CA GLN A 281 -14.84 21.97 -14.48
C GLN A 281 -14.98 23.04 -15.58
N LEU A 282 -14.03 23.02 -16.52
CA LEU A 282 -14.03 24.01 -17.60
C LEU A 282 -15.25 23.84 -18.48
N TYR A 283 -15.58 22.59 -18.85
CA TYR A 283 -16.72 22.37 -19.69
C TYR A 283 -18.01 22.88 -19.01
N ALA A 284 -18.19 22.53 -17.75
CA ALA A 284 -19.35 23.02 -17.01
C ALA A 284 -19.38 24.54 -16.96
N LEU A 285 -18.22 25.17 -16.81
CA LEU A 285 -18.15 26.65 -16.73
C LEU A 285 -18.49 27.31 -18.06
N LEU A 286 -17.91 26.79 -19.13
CA LEU A 286 -18.11 27.34 -20.49
C LEU A 286 -19.50 27.18 -21.08
N TYR A 287 -20.15 26.05 -20.78
CA TYR A 287 -21.37 25.68 -21.49
C TYR A 287 -22.54 25.46 -20.55
#